data_3G87
#
_entry.id   3G87
#
_cell.length_a   57.495
_cell.length_b   69.196
_cell.length_c   83.202
_cell.angle_alpha   90.000
_cell.angle_beta   90.000
_cell.angle_gamma   90.000
#
_symmetry.space_group_name_H-M   'P 21 21 21'
#
loop_
_entity.id
_entity.type
_entity.pdbx_description
1 polymer 'Malonyl CoA-acyl carrier protein transacylase'
2 water water
#
_entity_poly.entity_id   1
_entity_poly.type   'polypeptide(L)'
_entity_poly.pdbx_seq_one_letter_code
;GPGSMLNTFMFPGQGSQAKGMGGALFDRFADLTAQADAVLGYSIRALCVDDPRDELGRTQFTQPALYVVNALTYYAKCED
SGETPDFLAGHSLGEFNALLAAGCFDFETGLKLVARRAELMSQARDGAMAAIVNASREQIERTLDEHGLVDTAIANDNTP
SQLVISGPAHEIARAEALFQHDRVRYLRLNTSGAFHSKFMRPAQQAFAAHLQSFRLADPAIPVISNVSARPYENGRVSEG
LAQQIASPVRWCESIRYLLALAAERGEAIEFTELGHGDVLTRLVHTIRRQTPAPAAAATSARARPTPPGEPERPAQQTAA
APRASDSASASLGAAERVAAWNRDYPVGTRVRSSLIHDDVLETRTPATVLFGHRAAVYMKGYNGYFDLAEVTPA
;
_entity_poly.pdbx_strand_id   A
#
# COMPACT_ATOMS: atom_id res chain seq x y z
N SER A 4 23.79 1.43 -6.69
CA SER A 4 22.70 0.43 -6.74
C SER A 4 22.98 -0.56 -5.62
N MET A 5 23.64 -1.70 -5.88
CA MET A 5 24.17 -2.62 -4.80
C MET A 5 23.05 -3.43 -4.09
N LEU A 6 22.69 -3.13 -2.84
CA LEU A 6 21.52 -3.78 -2.21
C LEU A 6 20.27 -3.33 -2.93
N ASN A 7 19.35 -4.26 -3.25
CA ASN A 7 18.15 -3.93 -4.02
C ASN A 7 16.83 -4.15 -3.23
N THR A 8 16.03 -3.13 -3.17
CA THR A 8 14.70 -3.18 -2.60
C THR A 8 13.61 -3.23 -3.64
N PHE A 9 12.84 -4.28 -3.67
CA PHE A 9 11.65 -4.34 -4.48
C PHE A 9 10.48 -3.75 -3.68
N MET A 10 9.76 -2.86 -4.32
CA MET A 10 8.66 -2.13 -3.76
C MET A 10 7.40 -2.14 -4.62
N PHE A 11 6.26 -2.28 -3.99
CA PHE A 11 4.98 -2.48 -4.65
C PHE A 11 3.95 -1.43 -4.28
N PRO A 12 3.37 -0.78 -5.28
CA PRO A 12 2.42 0.27 -5.07
C PRO A 12 1.05 -0.19 -4.56
N GLY A 13 0.35 0.74 -3.96
CA GLY A 13 -1.01 0.59 -3.50
C GLY A 13 -2.05 1.48 -4.15
N GLN A 14 -3.15 1.63 -3.45
CA GLN A 14 -4.32 2.36 -3.89
C GLN A 14 -4.00 3.77 -4.37
N GLY A 15 -4.53 4.10 -5.52
CA GLY A 15 -4.21 5.31 -6.20
C GLY A 15 -3.32 5.19 -7.39
N SER A 16 -2.59 4.11 -7.50
CA SER A 16 -1.66 3.94 -8.60
C SER A 16 -2.26 3.19 -9.76
N GLN A 17 -3.43 2.65 -9.58
CA GLN A 17 -4.08 1.82 -10.63
C GLN A 17 -4.59 2.73 -11.74
N ALA A 18 -4.77 2.19 -12.93
CA ALA A 18 -5.24 2.96 -14.10
C ALA A 18 -5.67 1.95 -15.13
N LYS A 19 -6.71 2.27 -15.89
CA LYS A 19 -7.16 1.37 -16.94
C LYS A 19 -5.97 1.16 -17.90
N GLY A 20 -5.64 -0.09 -18.23
CA GLY A 20 -4.57 -0.41 -19.17
C GLY A 20 -3.43 -1.10 -18.43
N MET A 21 -3.46 -1.04 -17.09
CA MET A 21 -2.45 -1.69 -16.25
C MET A 21 -2.41 -3.21 -16.49
N GLY A 22 -1.23 -3.76 -16.37
CA GLY A 22 -1.08 -5.15 -16.67
C GLY A 22 -0.73 -5.40 -18.11
N GLY A 23 -1.66 -5.18 -19.02
CA GLY A 23 -1.40 -5.29 -20.43
C GLY A 23 -1.17 -6.69 -20.90
N ALA A 24 -0.03 -6.94 -21.51
CA ALA A 24 0.28 -8.22 -22.08
C ALA A 24 0.78 -9.22 -21.08
N LEU A 25 1.14 -8.76 -19.90
CA LEU A 25 1.45 -9.62 -18.78
C LEU A 25 0.39 -10.63 -18.46
N PHE A 26 -0.86 -10.32 -18.68
CA PHE A 26 -1.93 -11.25 -18.37
C PHE A 26 -1.90 -12.52 -19.19
N ASP A 27 -1.69 -12.41 -20.46
CA ASP A 27 -1.53 -13.56 -21.34
C ASP A 27 -0.16 -14.21 -21.19
N ARG A 28 0.91 -13.43 -20.93
CA ARG A 28 2.20 -14.03 -20.65
C ARG A 28 2.08 -15.00 -19.49
N PHE A 29 1.31 -14.62 -18.47
CA PHE A 29 1.11 -15.43 -17.26
C PHE A 29 -0.28 -16.03 -17.27
N ALA A 30 -0.61 -16.65 -18.39
CA ALA A 30 -1.97 -17.09 -18.66
C ALA A 30 -2.50 -17.99 -17.56
N ASP A 31 -1.66 -18.85 -16.99
CA ASP A 31 -2.09 -19.73 -15.87
C ASP A 31 -2.34 -18.97 -14.53
N LEU A 32 -1.45 -18.07 -14.13
CA LEU A 32 -1.70 -17.21 -12.97
C LEU A 32 -3.01 -16.45 -13.22
N THR A 33 -3.18 -15.87 -14.41
CA THR A 33 -4.42 -15.16 -14.73
C THR A 33 -5.68 -16.00 -14.55
N ALA A 34 -5.69 -17.24 -15.06
CA ALA A 34 -6.84 -18.12 -14.88
C ALA A 34 -7.02 -18.46 -13.41
N GLN A 35 -5.92 -18.63 -12.66
CA GLN A 35 -6.04 -18.84 -11.23
C GLN A 35 -6.73 -17.65 -10.56
N ALA A 36 -6.42 -16.45 -11.02
CA ALA A 36 -6.98 -15.25 -10.40
C ALA A 36 -8.47 -15.14 -10.75
N ASP A 37 -8.84 -15.36 -12.03
CA ASP A 37 -10.28 -15.35 -12.37
C ASP A 37 -11.04 -16.38 -11.55
N ALA A 38 -10.46 -17.55 -11.30
CA ALA A 38 -11.25 -18.54 -10.54
C ALA A 38 -11.43 -18.14 -9.06
N VAL A 39 -10.49 -17.36 -8.51
CA VAL A 39 -10.55 -17.01 -7.11
C VAL A 39 -11.60 -15.90 -6.92
N LEU A 40 -11.61 -15.03 -7.92
CA LEU A 40 -12.33 -13.78 -7.89
C LEU A 40 -13.74 -13.90 -8.48
N GLY A 41 -13.91 -14.81 -9.45
CA GLY A 41 -15.21 -15.00 -10.06
C GLY A 41 -15.50 -13.95 -11.14
N TYR A 42 -14.45 -13.28 -11.64
CA TYR A 42 -14.59 -12.40 -12.81
C TYR A 42 -13.25 -12.28 -13.51
N SER A 43 -13.21 -11.66 -14.68
CA SER A 43 -11.96 -11.59 -15.42
C SER A 43 -11.08 -10.48 -14.88
N ILE A 44 -9.90 -10.84 -14.39
CA ILE A 44 -8.99 -9.86 -13.86
C ILE A 44 -8.44 -8.99 -15.01
N ARG A 45 -8.32 -9.60 -16.19
CA ARG A 45 -7.70 -8.91 -17.32
C ARG A 45 -8.65 -7.85 -17.84
N ALA A 46 -9.93 -8.20 -17.93
CA ALA A 46 -10.95 -7.27 -18.37
C ALA A 46 -10.99 -6.07 -17.41
N LEU A 47 -11.00 -6.34 -16.11
CA LEU A 47 -11.14 -5.27 -15.12
C LEU A 47 -9.97 -4.30 -15.28
N CYS A 48 -8.77 -4.87 -15.49
CA CYS A 48 -7.51 -4.08 -15.62
C CYS A 48 -7.24 -3.33 -16.95
N VAL A 49 -7.43 -4.05 -18.06
CA VAL A 49 -7.08 -3.52 -19.40
C VAL A 49 -8.25 -2.69 -19.96
N ASP A 50 -9.46 -3.23 -19.88
CA ASP A 50 -10.64 -2.58 -20.46
C ASP A 50 -11.47 -1.76 -19.44
N ASP A 51 -11.55 -2.21 -18.17
CA ASP A 51 -12.42 -1.61 -17.15
C ASP A 51 -13.81 -1.12 -17.60
N PRO A 52 -14.64 -1.97 -18.15
CA PRO A 52 -15.91 -1.56 -18.70
C PRO A 52 -16.93 -0.92 -17.78
N ARG A 53 -17.03 -1.30 -16.53
CA ARG A 53 -17.96 -0.71 -15.61
C ARG A 53 -17.30 0.30 -14.69
N ASP A 54 -16.15 0.77 -15.10
CA ASP A 54 -15.45 1.78 -14.35
C ASP A 54 -15.34 1.44 -12.87
N GLU A 55 -14.77 0.29 -12.63
CA GLU A 55 -14.72 -0.39 -11.36
C GLU A 55 -13.40 -0.25 -10.65
N LEU A 56 -12.35 0.07 -11.38
CA LEU A 56 -11.00 0.16 -10.85
C LEU A 56 -10.83 1.04 -9.63
N GLY A 57 -11.58 2.12 -9.53
CA GLY A 57 -11.53 3.00 -8.38
C GLY A 57 -12.33 2.63 -7.12
N ARG A 58 -13.11 1.55 -7.20
CA ARG A 58 -13.88 1.11 -6.02
C ARG A 58 -13.05 0.03 -5.31
N THR A 59 -12.76 0.21 -4.02
CA THR A 59 -11.71 -0.56 -3.30
C THR A 59 -11.86 -2.10 -3.41
N GLN A 60 -13.07 -2.62 -3.60
CA GLN A 60 -13.20 -4.07 -3.63
C GLN A 60 -12.59 -4.60 -4.91
N PHE A 61 -12.45 -3.74 -5.92
CA PHE A 61 -11.84 -4.11 -7.19
C PHE A 61 -10.41 -3.56 -7.33
N THR A 62 -10.18 -2.35 -6.92
CA THR A 62 -8.85 -1.79 -6.94
C THR A 62 -7.76 -2.70 -6.38
N GLN A 63 -8.08 -3.34 -5.29
CA GLN A 63 -7.14 -4.10 -4.50
C GLN A 63 -6.67 -5.41 -5.15
N PRO A 64 -7.60 -6.21 -5.65
CA PRO A 64 -7.22 -7.36 -6.44
C PRO A 64 -6.52 -6.97 -7.71
N ALA A 65 -6.92 -5.88 -8.34
CA ALA A 65 -6.25 -5.34 -9.54
C ALA A 65 -4.80 -5.01 -9.29
N LEU A 66 -4.53 -4.23 -8.27
CA LEU A 66 -3.17 -3.91 -7.86
C LEU A 66 -2.33 -5.14 -7.59
N TYR A 67 -2.86 -6.03 -6.76
CA TYR A 67 -2.13 -7.22 -6.34
C TYR A 67 -1.68 -8.04 -7.52
N VAL A 68 -2.59 -8.30 -8.46
CA VAL A 68 -2.27 -9.21 -9.57
C VAL A 68 -1.30 -8.51 -10.52
N VAL A 69 -1.55 -7.23 -10.79
CA VAL A 69 -0.62 -6.49 -11.61
C VAL A 69 0.75 -6.37 -10.94
N ASN A 70 0.78 -6.04 -9.65
CA ASN A 70 2.06 -5.99 -8.98
C ASN A 70 2.76 -7.34 -9.10
N ALA A 71 2.05 -8.42 -8.79
CA ALA A 71 2.65 -9.77 -8.88
C ALA A 71 3.21 -10.12 -10.25
N LEU A 72 2.44 -9.90 -11.30
CA LEU A 72 2.85 -10.31 -12.63
C LEU A 72 4.09 -9.52 -13.04
N THR A 73 4.06 -8.21 -12.79
CA THR A 73 5.21 -7.35 -13.01
C THR A 73 6.41 -7.89 -12.25
N TYR A 74 6.21 -8.27 -10.99
CA TYR A 74 7.28 -8.88 -10.21
C TYR A 74 7.84 -10.19 -10.84
N TYR A 75 6.96 -11.12 -11.23
CA TYR A 75 7.41 -12.29 -12.00
C TYR A 75 8.08 -11.95 -13.33
N ALA A 76 7.56 -11.00 -14.09
CA ALA A 76 8.28 -10.59 -15.30
C ALA A 76 9.70 -10.11 -14.94
N LYS A 77 9.79 -9.20 -13.99
CA LYS A 77 11.06 -8.71 -13.57
C LYS A 77 12.00 -9.84 -13.15
N CYS A 78 11.57 -10.81 -12.37
CA CYS A 78 12.46 -11.85 -11.92
C CYS A 78 13.06 -12.67 -13.02
N GLU A 79 12.22 -13.08 -13.94
CA GLU A 79 12.61 -13.85 -15.09
C GLU A 79 13.51 -13.13 -16.09
N ASP A 80 13.25 -11.89 -16.39
CA ASP A 80 13.93 -11.20 -17.41
C ASP A 80 15.23 -10.61 -16.94
N SER A 81 15.22 -10.05 -15.76
CA SER A 81 16.34 -9.32 -15.24
C SER A 81 17.27 -10.25 -14.51
N GLY A 82 16.77 -11.32 -13.95
CA GLY A 82 17.53 -12.16 -13.08
C GLY A 82 17.73 -11.70 -11.65
N GLU A 83 17.26 -10.52 -11.29
CA GLU A 83 17.53 -9.95 -9.99
C GLU A 83 16.72 -10.49 -8.86
N THR A 84 17.28 -10.51 -7.67
CA THR A 84 16.58 -10.89 -6.47
C THR A 84 16.64 -9.77 -5.48
N PRO A 85 15.58 -9.55 -4.76
CA PRO A 85 15.56 -8.47 -3.80
C PRO A 85 16.34 -8.78 -2.53
N ASP A 86 16.94 -7.78 -1.92
CA ASP A 86 17.55 -7.93 -0.64
C ASP A 86 16.59 -7.46 0.39
N PHE A 87 15.55 -6.76 -0.02
CA PHE A 87 14.64 -6.12 0.91
C PHE A 87 13.32 -5.93 0.23
N LEU A 88 12.24 -6.05 0.98
CA LEU A 88 10.90 -5.89 0.39
C LEU A 88 10.03 -4.92 1.22
N ALA A 89 9.27 -4.06 0.51
CA ALA A 89 8.32 -3.19 1.16
C ALA A 89 7.16 -2.94 0.22
N GLY A 90 5.94 -2.87 0.77
CA GLY A 90 4.75 -2.54 -0.01
C GLY A 90 3.81 -1.57 0.68
N HIS A 91 3.11 -0.76 -0.11
CA HIS A 91 2.30 0.32 0.45
C HIS A 91 0.85 -0.10 0.61
N SER A 92 0.52 -0.44 1.85
CA SER A 92 -0.79 -0.92 2.25
C SER A 92 -1.14 -2.20 1.46
N LEU A 93 -1.91 -2.13 0.39
CA LEU A 93 -2.09 -3.25 -0.49
C LEU A 93 -0.78 -3.89 -0.93
N GLY A 94 0.15 -3.10 -1.41
CA GLY A 94 1.45 -3.54 -1.79
C GLY A 94 2.25 -4.38 -0.85
N GLU A 95 1.91 -4.36 0.41
CA GLU A 95 2.53 -5.20 1.39
C GLU A 95 2.25 -6.69 1.14
N PHE A 96 1.09 -6.98 0.61
CA PHE A 96 0.73 -8.28 0.20
C PHE A 96 1.62 -8.84 -0.87
N ASN A 97 2.00 -8.03 -1.84
CA ASN A 97 3.00 -8.44 -2.82
C ASN A 97 4.43 -8.58 -2.28
N ALA A 98 4.80 -7.78 -1.27
CA ALA A 98 6.10 -7.95 -0.53
C ALA A 98 6.13 -9.30 0.17
N LEU A 99 5.07 -9.60 0.93
CA LEU A 99 4.94 -10.89 1.61
C LEU A 99 4.95 -12.05 0.60
N LEU A 100 4.31 -11.83 -0.57
CA LEU A 100 4.34 -12.84 -1.64
C LEU A 100 5.78 -13.13 -2.10
N ALA A 101 6.52 -12.06 -2.45
CA ALA A 101 7.91 -12.18 -2.86
C ALA A 101 8.81 -12.68 -1.77
N ALA A 102 8.41 -12.61 -0.51
CA ALA A 102 9.20 -13.22 0.59
C ALA A 102 8.86 -14.69 0.82
N GLY A 103 7.89 -15.20 0.07
CA GLY A 103 7.60 -16.61 0.14
C GLY A 103 6.64 -16.94 1.27
N CYS A 104 5.97 -15.92 1.82
CA CYS A 104 5.09 -16.12 2.98
C CYS A 104 3.80 -16.87 2.61
N PHE A 105 3.36 -16.76 1.35
CA PHE A 105 2.20 -17.49 0.84
C PHE A 105 2.36 -17.63 -0.65
N ASP A 106 1.55 -18.41 -1.28
CA ASP A 106 1.59 -18.44 -2.72
C ASP A 106 0.69 -17.41 -3.37
N PHE A 107 0.69 -17.36 -4.68
CA PHE A 107 -0.03 -16.36 -5.44
C PHE A 107 -1.53 -16.37 -5.16
N GLU A 108 -2.13 -17.53 -5.19
CA GLU A 108 -3.54 -17.68 -4.93
C GLU A 108 -3.92 -17.34 -3.52
N THR A 109 -3.06 -17.65 -2.58
CA THR A 109 -3.40 -17.44 -1.21
C THR A 109 -3.38 -15.95 -0.90
N GLY A 110 -2.47 -15.21 -1.48
CA GLY A 110 -2.42 -13.76 -1.29
C GLY A 110 -3.63 -13.10 -1.90
N LEU A 111 -4.05 -13.58 -3.08
CA LEU A 111 -5.18 -13.02 -3.75
C LEU A 111 -6.42 -13.30 -2.91
N LYS A 112 -6.52 -14.51 -2.37
CA LYS A 112 -7.60 -14.78 -1.43
C LYS A 112 -7.60 -13.84 -0.22
N LEU A 113 -6.43 -13.58 0.36
CA LEU A 113 -6.40 -12.64 1.47
C LEU A 113 -6.86 -11.23 1.05
N VAL A 114 -6.45 -10.81 -0.14
CA VAL A 114 -6.72 -9.50 -0.69
C VAL A 114 -8.20 -9.24 -0.98
N ALA A 115 -8.86 -10.21 -1.58
CA ALA A 115 -10.27 -10.18 -1.79
C ALA A 115 -11.08 -10.04 -0.50
N ARG A 116 -10.70 -10.71 0.56
CA ARG A 116 -11.38 -10.51 1.82
C ARG A 116 -11.09 -9.14 2.40
N ARG A 117 -9.85 -8.71 2.35
CA ARG A 117 -9.46 -7.39 2.79
C ARG A 117 -10.21 -6.28 2.06
N ALA A 118 -10.30 -6.44 0.76
CA ALA A 118 -10.88 -5.46 -0.10
C ALA A 118 -12.37 -5.41 0.06
N GLU A 119 -13.00 -6.56 0.18
CA GLU A 119 -14.44 -6.62 0.50
C GLU A 119 -14.76 -5.94 1.83
N LEU A 120 -14.05 -6.26 2.91
CA LEU A 120 -14.38 -5.62 4.20
C LEU A 120 -14.13 -4.09 4.17
N MET A 121 -12.99 -3.69 3.64
CA MET A 121 -12.71 -2.28 3.60
C MET A 121 -13.78 -1.53 2.79
N SER A 122 -14.30 -2.14 1.75
CA SER A 122 -15.41 -1.58 0.99
C SER A 122 -16.75 -1.37 1.69
N GLN A 123 -16.98 -2.02 2.79
CA GLN A 123 -18.16 -1.91 3.60
C GLN A 123 -18.19 -0.69 4.46
N ALA A 124 -17.03 -0.12 4.77
CA ALA A 124 -16.93 1.12 5.49
C ALA A 124 -17.69 2.24 4.81
N ARG A 125 -18.65 2.83 5.49
CA ARG A 125 -19.37 3.94 4.95
C ARG A 125 -18.98 5.17 5.66
N ASP A 126 -19.21 6.30 5.06
CA ASP A 126 -19.11 7.53 5.78
C ASP A 126 -17.72 8.06 6.14
N GLY A 127 -16.67 7.45 5.65
CA GLY A 127 -15.32 8.01 5.83
C GLY A 127 -14.76 8.57 4.53
N ALA A 128 -13.59 9.19 4.65
CA ALA A 128 -12.89 9.77 3.56
C ALA A 128 -11.38 9.93 3.88
N MET A 129 -10.61 10.34 2.86
CA MET A 129 -9.18 10.61 2.97
C MET A 129 -8.78 11.74 2.03
N ALA A 130 -7.67 12.41 2.34
CA ALA A 130 -7.17 13.52 1.57
C ALA A 130 -5.70 13.58 1.80
N ALA A 131 -4.96 13.88 0.75
CA ALA A 131 -3.54 13.93 0.84
C ALA A 131 -3.20 15.38 1.03
N ILE A 132 -2.26 15.63 1.95
CA ILE A 132 -1.84 17.00 2.26
C ILE A 132 -0.40 17.16 1.84
N VAL A 133 -0.11 18.26 1.16
CA VAL A 133 1.24 18.52 0.69
C VAL A 133 1.76 19.80 1.34
N ASN A 134 2.97 19.71 1.89
CA ASN A 134 3.75 20.87 2.43
C ASN A 134 3.40 21.37 3.83
N ALA A 135 2.79 20.47 4.61
CA ALA A 135 2.68 20.64 6.04
C ALA A 135 3.40 19.48 6.73
N SER A 136 3.98 19.76 7.87
CA SER A 136 4.56 18.72 8.65
C SER A 136 3.46 18.04 9.44
N ARG A 137 3.79 16.95 10.08
CA ARG A 137 2.85 16.25 10.88
C ARG A 137 2.30 17.12 11.99
N GLU A 138 3.15 17.93 12.54
CA GLU A 138 2.83 18.79 13.62
C GLU A 138 1.94 19.95 13.24
N GLN A 139 2.10 20.49 12.06
CA GLN A 139 1.21 21.50 11.58
C GLN A 139 -0.20 20.89 11.41
N ILE A 140 -0.24 19.69 10.89
CA ILE A 140 -1.46 19.03 10.48
C ILE A 140 -2.27 18.70 11.74
N GLU A 141 -1.61 18.04 12.69
CA GLU A 141 -2.26 17.64 13.93
C GLU A 141 -2.77 18.79 14.72
N ARG A 142 -2.03 19.90 14.74
CA ARG A 142 -2.45 21.11 15.48
C ARG A 142 -3.66 21.69 14.80
N THR A 143 -3.55 21.84 13.48
CA THR A 143 -4.63 22.40 12.71
C THR A 143 -5.90 21.60 12.90
N LEU A 144 -5.83 20.27 12.78
CA LEU A 144 -6.98 19.40 13.05
C LEU A 144 -7.54 19.63 14.45
N ASP A 145 -6.71 19.70 15.49
CA ASP A 145 -7.19 20.00 16.82
C ASP A 145 -7.91 21.33 16.93
N GLU A 146 -7.31 22.39 16.38
CA GLU A 146 -7.80 23.73 16.51
C GLU A 146 -9.16 23.94 15.94
N HIS A 147 -9.51 23.16 14.95
CA HIS A 147 -10.76 23.23 14.29
C HIS A 147 -11.70 22.10 14.60
N GLY A 148 -11.53 21.42 15.70
CA GLY A 148 -12.50 20.36 16.12
C GLY A 148 -12.67 19.15 15.18
N LEU A 149 -11.66 18.86 14.39
CA LEU A 149 -11.63 17.65 13.63
C LEU A 149 -11.11 16.47 14.46
N VAL A 150 -11.93 16.03 15.37
CA VAL A 150 -11.56 15.14 16.44
C VAL A 150 -11.32 13.69 16.05
N ASP A 151 -11.94 13.25 14.99
CA ASP A 151 -11.85 11.88 14.57
C ASP A 151 -11.01 11.72 13.34
N THR A 152 -10.23 12.72 13.04
CA THR A 152 -9.39 12.74 11.89
C THR A 152 -7.96 12.63 12.33
N ALA A 153 -7.19 11.73 11.70
CA ALA A 153 -5.76 11.54 12.01
C ALA A 153 -4.88 11.27 10.78
N ILE A 154 -3.56 11.15 10.99
CA ILE A 154 -2.72 10.78 9.91
C ILE A 154 -2.87 9.27 9.60
N ALA A 155 -3.07 8.99 8.32
CA ALA A 155 -3.23 7.62 7.87
C ALA A 155 -2.03 7.07 7.10
N ASN A 156 -1.39 7.92 6.28
CA ASN A 156 -0.15 7.66 5.56
C ASN A 156 0.88 8.70 5.94
N ASP A 157 2.09 8.30 6.32
CA ASP A 157 3.15 9.26 6.37
C ASP A 157 4.08 8.88 5.23
N ASN A 158 3.96 9.62 4.13
CA ASN A 158 4.55 9.23 2.86
C ASN A 158 5.94 9.83 2.58
N THR A 159 6.09 11.12 2.85
CA THR A 159 7.39 11.82 2.80
C THR A 159 7.24 12.92 3.80
N PRO A 160 8.29 13.60 4.18
CA PRO A 160 8.12 14.65 5.18
C PRO A 160 7.14 15.76 4.85
N SER A 161 6.87 15.96 3.58
CA SER A 161 5.93 16.95 3.13
C SER A 161 4.69 16.37 2.51
N GLN A 162 4.46 15.08 2.70
CA GLN A 162 3.34 14.43 2.09
C GLN A 162 2.71 13.39 2.96
N LEU A 163 1.52 13.67 3.43
CA LEU A 163 0.85 12.85 4.40
C LEU A 163 -0.58 12.79 4.00
N VAL A 164 -1.23 11.72 4.42
CA VAL A 164 -2.63 11.49 4.18
C VAL A 164 -3.41 11.40 5.46
N ILE A 165 -4.54 12.06 5.48
CA ILE A 165 -5.44 12.04 6.58
C ILE A 165 -6.65 11.26 6.26
N SER A 166 -7.28 10.75 7.29
CA SER A 166 -8.55 10.15 7.17
C SER A 166 -9.36 10.37 8.40
N GLY A 167 -10.66 10.33 8.19
CA GLY A 167 -11.67 10.53 9.19
C GLY A 167 -13.05 10.53 8.62
N PRO A 168 -14.03 10.96 9.38
CA PRO A 168 -15.38 11.09 8.82
C PRO A 168 -15.43 12.05 7.65
N ALA A 169 -16.21 11.71 6.67
CA ALA A 169 -16.33 12.45 5.43
C ALA A 169 -16.49 13.96 5.59
N HIS A 170 -17.34 14.38 6.51
CA HIS A 170 -17.57 15.82 6.72
C HIS A 170 -16.35 16.56 7.28
N GLU A 171 -15.56 15.86 8.10
CA GLU A 171 -14.34 16.41 8.70
C GLU A 171 -13.33 16.52 7.63
N ILE A 172 -13.22 15.46 6.84
CA ILE A 172 -12.29 15.53 5.74
C ILE A 172 -12.71 16.70 4.82
N ALA A 173 -14.00 16.87 4.60
CA ALA A 173 -14.56 17.92 3.80
C ALA A 173 -14.22 19.31 4.35
N ARG A 174 -14.45 19.53 5.64
CA ARG A 174 -14.05 20.76 6.29
C ARG A 174 -12.57 21.05 6.33
N ALA A 175 -11.73 20.04 6.26
CA ALA A 175 -10.30 20.22 6.22
C ALA A 175 -9.82 20.94 5.00
N GLU A 176 -10.52 20.80 3.89
CA GLU A 176 -10.10 21.44 2.66
C GLU A 176 -9.72 22.88 2.83
N ALA A 177 -10.60 23.61 3.45
CA ALA A 177 -10.38 24.98 3.74
C ALA A 177 -9.19 25.22 4.63
N LEU A 178 -8.72 24.23 5.37
CA LEU A 178 -7.66 24.47 6.32
C LEU A 178 -6.29 24.24 5.80
N PHE A 179 -6.21 23.57 4.67
CA PHE A 179 -4.96 23.21 4.06
C PHE A 179 -4.83 23.77 2.65
N GLN A 180 -5.34 24.97 2.43
CA GLN A 180 -5.11 25.63 1.17
C GLN A 180 -4.65 27.02 1.41
N HIS A 181 -3.36 27.16 1.47
CA HIS A 181 -2.78 28.40 1.77
C HIS A 181 -1.32 28.23 1.75
N ASP A 182 -0.62 29.32 1.40
CA ASP A 182 0.82 29.35 1.26
C ASP A 182 1.35 28.24 0.34
N ARG A 183 2.15 27.33 0.84
CA ARG A 183 2.52 26.21 -0.03
C ARG A 183 1.62 25.01 0.11
N VAL A 184 1.17 24.75 1.32
CA VAL A 184 0.20 23.73 1.66
C VAL A 184 -0.90 23.52 0.66
N ARG A 185 -1.05 22.29 0.19
CA ARG A 185 -2.13 21.91 -0.74
C ARG A 185 -2.91 20.69 -0.26
N TYR A 186 -4.12 20.53 -0.78
CA TYR A 186 -5.03 19.50 -0.34
C TYR A 186 -5.65 18.76 -1.48
N LEU A 187 -5.72 17.46 -1.38
CA LEU A 187 -6.38 16.65 -2.38
C LEU A 187 -7.29 15.58 -1.83
N ARG A 188 -8.58 15.72 -2.06
CA ARG A 188 -9.54 14.70 -1.72
C ARG A 188 -9.31 13.44 -2.52
N LEU A 189 -9.36 12.29 -1.88
CA LEU A 189 -9.09 11.05 -2.54
C LEU A 189 -10.37 10.31 -2.76
N ASN A 190 -10.31 9.30 -3.60
CA ASN A 190 -11.47 8.45 -3.83
C ASN A 190 -11.71 7.24 -2.99
N THR A 191 -12.62 7.36 -2.05
CA THR A 191 -12.95 6.29 -1.08
C THR A 191 -14.08 6.75 -0.17
N SER A 192 -14.83 5.77 0.33
CA SER A 192 -15.98 5.97 1.19
C SER A 192 -15.58 5.51 2.62
N GLY A 193 -14.28 5.19 2.73
CA GLY A 193 -13.68 4.78 3.99
C GLY A 193 -12.52 5.64 4.46
N ALA A 194 -12.46 5.77 5.76
CA ALA A 194 -11.39 6.44 6.46
C ALA A 194 -10.40 5.31 6.69
N PHE A 195 -9.55 5.03 5.70
CA PHE A 195 -8.68 3.87 5.75
C PHE A 195 -7.52 4.19 6.64
N HIS A 196 -7.03 3.17 7.30
CA HIS A 196 -5.86 3.25 8.15
C HIS A 196 -6.09 4.19 9.31
N SER A 197 -7.26 4.06 9.92
CA SER A 197 -7.69 4.82 11.09
C SER A 197 -8.54 3.87 11.95
N LYS A 198 -9.02 4.38 13.07
CA LYS A 198 -9.87 3.62 14.02
C LYS A 198 -11.20 3.14 13.43
N PHE A 199 -11.66 3.75 12.34
CA PHE A 199 -12.90 3.31 11.71
C PHE A 199 -12.78 1.92 11.06
N MET A 200 -11.56 1.49 10.79
CA MET A 200 -11.26 0.23 10.18
C MET A 200 -11.12 -0.91 11.14
N ARG A 201 -11.26 -0.63 12.40
CA ARG A 201 -11.21 -1.65 13.40
C ARG A 201 -12.09 -2.89 13.16
N PRO A 202 -13.32 -2.72 12.76
CA PRO A 202 -14.15 -3.88 12.49
C PRO A 202 -13.72 -4.73 11.29
N ALA A 203 -13.25 -4.11 10.22
CA ALA A 203 -12.63 -4.79 9.13
C ALA A 203 -11.40 -5.53 9.59
N GLN A 204 -10.58 -4.87 10.38
CA GLN A 204 -9.37 -5.46 10.91
C GLN A 204 -9.62 -6.74 11.68
N GLN A 205 -10.59 -6.71 12.58
CA GLN A 205 -10.93 -7.88 13.35
C GLN A 205 -11.52 -8.95 12.47
N ALA A 206 -12.39 -8.56 11.55
CA ALA A 206 -12.96 -9.54 10.62
C ALA A 206 -11.82 -10.16 9.82
N PHE A 207 -10.82 -9.34 9.46
CA PHE A 207 -9.75 -9.80 8.57
C PHE A 207 -8.80 -10.70 9.34
N ALA A 208 -8.52 -10.35 10.60
CA ALA A 208 -7.68 -11.18 11.46
C ALA A 208 -8.32 -12.57 11.62
N ALA A 209 -9.63 -12.64 11.60
CA ALA A 209 -10.32 -13.86 11.83
C ALA A 209 -10.19 -14.73 10.63
N HIS A 210 -10.23 -14.13 9.44
CA HIS A 210 -10.11 -14.81 8.19
C HIS A 210 -8.70 -15.39 8.07
N LEU A 211 -7.73 -14.65 8.57
CA LEU A 211 -6.35 -15.03 8.50
C LEU A 211 -6.03 -16.31 9.21
N GLN A 212 -6.81 -16.63 10.23
CA GLN A 212 -6.62 -17.82 11.01
C GLN A 212 -6.80 -19.10 10.22
N SER A 213 -7.40 -19.02 9.05
CA SER A 213 -7.49 -20.16 8.16
C SER A 213 -6.31 -20.45 7.23
N PHE A 214 -5.21 -19.75 7.40
CA PHE A 214 -4.09 -19.76 6.48
C PHE A 214 -2.81 -19.92 7.32
N ARG A 215 -1.89 -20.71 6.80
CA ARG A 215 -0.63 -20.93 7.48
C ARG A 215 0.40 -20.08 6.73
N LEU A 216 0.83 -18.98 7.35
CA LEU A 216 1.73 -18.00 6.73
C LEU A 216 3.19 -18.26 7.12
N ALA A 217 4.05 -18.50 6.12
CA ALA A 217 5.48 -18.79 6.39
C ALA A 217 6.24 -17.52 6.80
N ASP A 218 7.33 -17.69 7.55
CA ASP A 218 8.18 -16.56 7.94
C ASP A 218 8.86 -16.07 6.65
N PRO A 219 9.16 -14.76 6.56
CA PRO A 219 9.74 -14.28 5.28
C PRO A 219 11.15 -14.79 4.97
N ALA A 220 11.42 -15.09 3.72
CA ALA A 220 12.70 -15.59 3.32
C ALA A 220 13.61 -14.42 2.99
N ILE A 221 13.02 -13.24 2.78
CA ILE A 221 13.71 -11.99 2.43
C ILE A 221 12.98 -10.94 3.33
N PRO A 222 13.75 -10.04 4.01
CA PRO A 222 13.15 -9.13 5.00
C PRO A 222 12.03 -8.27 4.38
N VAL A 223 10.88 -8.20 5.05
CA VAL A 223 9.79 -7.37 4.54
C VAL A 223 9.55 -6.30 5.57
N ILE A 224 9.61 -5.03 5.16
CA ILE A 224 9.46 -3.92 6.13
C ILE A 224 7.99 -3.64 6.33
N SER A 225 7.55 -3.79 7.56
CA SER A 225 6.15 -3.74 7.83
C SER A 225 5.67 -2.31 7.91
N ASN A 226 4.52 -2.02 7.34
CA ASN A 226 3.91 -0.73 7.35
C ASN A 226 3.57 -0.23 8.74
N VAL A 227 3.25 -1.15 9.63
CA VAL A 227 2.78 -0.80 11.00
C VAL A 227 3.95 -0.31 11.83
N SER A 228 5.08 -1.03 11.76
CA SER A 228 6.25 -0.77 12.59
C SER A 228 7.43 -0.05 11.91
N ALA A 229 7.39 0.05 10.60
CA ALA A 229 8.51 0.56 9.87
C ALA A 229 9.77 -0.29 10.14
N ARG A 230 9.55 -1.57 10.47
CA ARG A 230 10.67 -2.46 10.75
C ARG A 230 10.38 -3.84 10.12
N PRO A 231 11.38 -4.68 9.97
CA PRO A 231 11.17 -6.02 9.47
C PRO A 231 10.08 -6.84 10.23
N TYR A 232 9.17 -7.46 9.50
CA TYR A 232 8.28 -8.46 10.02
C TYR A 232 9.01 -9.47 10.91
N GLU A 233 8.51 -9.70 12.09
CA GLU A 233 9.15 -10.61 12.99
C GLU A 233 8.82 -12.03 12.58
N ASN A 234 9.64 -12.98 12.91
CA ASN A 234 9.26 -14.34 12.73
C ASN A 234 8.12 -14.66 13.68
N GLY A 235 7.10 -15.30 13.18
CA GLY A 235 5.91 -15.51 13.94
C GLY A 235 4.89 -14.42 14.04
N ARG A 236 5.15 -13.23 13.55
CA ARG A 236 4.17 -12.18 13.69
C ARG A 236 3.62 -11.72 12.39
N VAL A 237 3.69 -12.55 11.39
CA VAL A 237 3.22 -12.16 10.08
C VAL A 237 1.75 -11.87 10.06
N SER A 238 0.91 -12.78 10.49
CA SER A 238 -0.49 -12.48 10.53
C SER A 238 -0.77 -11.38 11.49
N GLU A 239 -0.07 -11.34 12.58
CA GLU A 239 -0.23 -10.21 13.47
C GLU A 239 0.02 -8.88 12.73
N GLY A 240 1.14 -8.77 12.04
CA GLY A 240 1.52 -7.54 11.39
C GLY A 240 0.59 -7.16 10.31
N LEU A 241 0.07 -8.17 9.67
CA LEU A 241 -0.73 -8.01 8.51
C LEU A 241 -2.05 -7.45 8.92
N ALA A 242 -2.57 -7.93 10.02
CA ALA A 242 -3.88 -7.54 10.50
C ALA A 242 -3.84 -6.17 11.10
N GLN A 243 -2.91 -5.91 11.96
CA GLN A 243 -2.79 -4.61 12.54
C GLN A 243 -2.64 -3.50 11.51
N GLN A 244 -2.08 -3.83 10.37
CA GLN A 244 -1.86 -2.91 9.27
C GLN A 244 -3.08 -2.05 8.90
N ILE A 245 -4.25 -2.67 8.87
CA ILE A 245 -5.50 -2.09 8.44
C ILE A 245 -5.99 -0.88 9.22
N ALA A 246 -5.86 -0.90 10.53
CA ALA A 246 -6.32 0.21 11.32
C ALA A 246 -5.22 1.18 11.80
N SER A 247 -4.00 0.96 11.33
CA SER A 247 -2.84 1.69 11.76
C SER A 247 -2.34 2.58 10.65
N PRO A 248 -1.64 3.66 10.95
CA PRO A 248 -1.06 4.44 9.84
C PRO A 248 0.05 3.73 9.09
N VAL A 249 0.17 4.05 7.84
CA VAL A 249 1.14 3.41 6.99
C VAL A 249 2.40 4.23 7.16
N ARG A 250 3.45 3.58 7.62
CA ARG A 250 4.65 4.38 7.93
C ARG A 250 5.67 4.22 6.85
N TRP A 251 5.32 4.73 5.69
CA TRP A 251 6.12 4.68 4.52
C TRP A 251 7.48 5.35 4.57
N CYS A 252 7.51 6.62 4.95
CA CYS A 252 8.71 7.42 5.09
C CYS A 252 9.73 6.77 6.01
N GLU A 253 9.29 6.39 7.19
CA GLU A 253 10.09 5.71 8.17
C GLU A 253 10.55 4.36 7.71
N SER A 254 9.80 3.71 6.87
CA SER A 254 10.22 2.43 6.35
C SER A 254 11.35 2.56 5.37
N ILE A 255 11.20 3.44 4.42
CA ILE A 255 12.25 3.81 3.53
C ILE A 255 13.49 4.27 4.28
N ARG A 256 13.34 5.25 5.15
CA ARG A 256 14.46 5.76 5.99
C ARG A 256 15.16 4.63 6.80
N TYR A 257 14.37 3.66 7.28
CA TYR A 257 14.98 2.52 7.93
C TYR A 257 15.86 1.80 6.93
N LEU A 258 15.43 1.65 5.69
CA LEU A 258 16.29 0.97 4.71
C LEU A 258 17.52 1.77 4.39
N LEU A 259 17.39 3.08 4.25
CA LEU A 259 18.55 3.96 3.97
C LEU A 259 19.65 3.85 5.05
N ALA A 260 19.24 3.90 6.33
CA ALA A 260 20.15 3.73 7.50
C ALA A 260 20.76 2.33 7.59
N LEU A 261 19.98 1.30 7.28
CA LEU A 261 20.54 -0.04 7.25
C LEU A 261 21.65 -0.20 6.18
N ALA A 262 21.44 0.28 4.97
CA ALA A 262 22.42 0.25 3.92
C ALA A 262 23.71 0.91 4.35
N ALA A 263 23.57 2.02 5.03
CA ALA A 263 24.70 2.80 5.43
C ALA A 263 25.52 2.09 6.51
N GLU A 264 24.84 1.57 7.49
CA GLU A 264 25.46 0.82 8.54
C GLU A 264 26.29 -0.30 7.94
N ARG A 265 25.78 -0.92 6.91
CA ARG A 265 26.52 -1.91 6.21
C ARG A 265 27.48 -1.36 5.16
N GLY A 266 27.72 -0.07 5.06
CA GLY A 266 28.52 0.47 3.99
C GLY A 266 28.17 0.02 2.59
N GLU A 267 26.89 -0.03 2.27
CA GLU A 267 26.53 -0.47 0.96
C GLU A 267 25.66 0.57 0.34
N ALA A 268 25.57 0.60 -0.95
CA ALA A 268 24.63 1.47 -1.58
C ALA A 268 23.27 0.75 -1.64
N ILE A 269 22.23 1.50 -1.89
CA ILE A 269 20.87 0.94 -1.96
C ILE A 269 20.02 1.57 -3.09
N GLU A 270 19.36 0.71 -3.85
CA GLU A 270 18.40 1.17 -4.87
C GLU A 270 17.00 0.57 -4.61
N PHE A 271 15.99 1.15 -5.26
CA PHE A 271 14.58 0.85 -5.08
C PHE A 271 13.88 0.59 -6.40
N THR A 272 13.36 -0.60 -6.54
CA THR A 272 12.77 -0.93 -7.81
C THR A 272 11.26 -1.06 -7.60
N GLU A 273 10.49 -0.18 -8.23
CA GLU A 273 9.06 -0.21 -8.12
C GLU A 273 8.52 -1.24 -9.06
N LEU A 274 7.81 -2.21 -8.48
CA LEU A 274 7.24 -3.26 -9.32
C LEU A 274 5.68 -3.20 -9.37
N GLY A 275 5.16 -2.65 -10.44
CA GLY A 275 3.71 -2.52 -10.59
C GLY A 275 3.42 -1.35 -11.49
N HIS A 276 2.15 -0.98 -11.65
CA HIS A 276 1.84 0.07 -12.63
C HIS A 276 2.17 1.44 -12.04
N GLY A 277 2.77 2.30 -12.84
CA GLY A 277 3.02 3.70 -12.45
C GLY A 277 4.35 3.90 -11.75
N ASP A 278 4.63 5.14 -11.36
CA ASP A 278 5.86 5.48 -10.62
C ASP A 278 5.57 6.20 -9.28
N VAL A 279 4.41 5.88 -8.67
CA VAL A 279 4.07 6.52 -7.41
C VAL A 279 5.18 6.39 -6.36
N LEU A 280 5.73 5.18 -6.12
CA LEU A 280 6.67 5.01 -5.01
C LEU A 280 8.05 5.51 -5.41
N THR A 281 8.39 5.37 -6.68
CA THR A 281 9.64 5.90 -7.23
C THR A 281 9.79 7.35 -6.83
N ARG A 282 8.73 8.14 -7.02
CA ARG A 282 8.76 9.58 -6.73
C ARG A 282 8.80 9.84 -5.25
N LEU A 283 8.16 8.98 -4.46
CA LEU A 283 8.22 9.13 -2.98
C LEU A 283 9.60 8.89 -2.47
N VAL A 284 10.26 7.86 -3.00
CA VAL A 284 11.61 7.55 -2.59
C VAL A 284 12.59 8.68 -2.98
N HIS A 285 12.46 9.24 -4.18
CA HIS A 285 13.34 10.36 -4.54
C HIS A 285 13.22 11.49 -3.52
N THR A 286 11.99 11.76 -3.11
CA THR A 286 11.70 12.91 -2.21
C THR A 286 12.23 12.67 -0.80
N ILE A 287 12.03 11.49 -0.29
CA ILE A 287 12.58 11.02 0.93
C ILE A 287 14.09 11.16 0.98
N ARG A 288 14.77 10.62 -0.02
CA ARG A 288 16.22 10.71 -0.13
C ARG A 288 16.76 12.14 -0.24
N ARG A 289 16.09 12.99 -0.97
CA ARG A 289 16.48 14.37 -1.07
C ARG A 289 16.39 15.07 0.27
N GLN A 290 15.39 14.72 1.04
CA GLN A 290 15.25 15.17 2.40
C GLN A 290 16.12 14.18 3.16
N THR A 291 16.15 14.11 4.46
CA THR A 291 17.06 13.11 5.03
C THR A 291 18.57 13.33 4.76
N PRO A 292 19.15 14.32 5.44
CA PRO A 292 20.48 14.80 5.10
C PRO A 292 21.48 13.65 5.24
N ALA A 293 22.48 13.63 4.36
CA ALA A 293 23.28 12.43 4.16
C ALA A 293 24.77 12.72 3.89
#